data_3R7M
#
_entry.id   3R7M
#
_cell.length_a   58.381
_cell.length_b   64.476
_cell.length_c   96.853
_cell.angle_alpha   90.00
_cell.angle_beta   90.00
_cell.angle_gamma   90.00
#
_symmetry.space_group_name_H-M   'P 21 21 21'
#
loop_
_entity.id
_entity.type
_entity.pdbx_description
1 polymer 'Aldo-keto reductase family 1 member C3'
2 non-polymer 'NADP NICOTINAMIDE-ADENINE-DINUCLEOTIDE PHOSPHATE'
3 non-polymer '[(1Z)-5-fluoro-2-methyl-1-{4-[methylsulfinyl]benzylidene}-1H-inden-3-yl]acetic acid'
4 non-polymer 1,2-ETHANEDIOL
5 water water
#
_entity_poly.entity_id   1
_entity_poly.type   'polypeptide(L)'
_entity_poly.pdbx_seq_one_letter_code
;MDSKHQCVKLNDGHFMPVLGFGTYAPPEVPRSKALEVTKLAIEAGFRHIDSAHLYNNEEQVGLAIRSKIADGSVKREDIF
YTSKLWSTFHRPELVRPALENSLKKAQLDYVDLYLIHSPMSLKPGEELSPTDENGKVIFDIVDLCTTWEAMEKCKDAGLA
KSIGVSNFNRRQLEMILNKPGLKYKPVCNQVECHPYFNRSKLLDFCKSKDIVLVAYSALGSQRDKRWVDPNSPVLLEDPV
LCALAKKHKRTPALIALRYQLQRGVVVLAKSYNEQRIRQNVQVFEFQLTAEDMKAIDGLDRNLHYFNSDSFASHPNYPYS
DEYLEHHHHHH
;
_entity_poly.pdbx_strand_id   A
#
loop_
_chem_comp.id
_chem_comp.type
_chem_comp.name
_chem_comp.formula
EDO non-polymer 1,2-ETHANEDIOL 'C2 H6 O2'
NAP non-polymer 'NADP NICOTINAMIDE-ADENINE-DINUCLEOTIDE PHOSPHATE' 'C21 H28 N7 O17 P3'
SUZ non-polymer '[(1Z)-5-fluoro-2-methyl-1-{4-[methylsulfinyl]benzylidene}-1H-inden-3-yl]acetic acid' 'C20 H17 F O3 S'
#
# COMPACT_ATOMS: atom_id res chain seq x y z
N GLN A 6 0.90 9.34 -14.07
CA GLN A 6 2.15 8.65 -14.57
C GLN A 6 2.43 7.32 -13.80
N CYS A 7 3.51 6.65 -14.18
CA CYS A 7 3.79 5.31 -13.71
C CYS A 7 5.26 5.30 -13.28
N VAL A 8 5.65 4.37 -12.41
CA VAL A 8 7.08 4.22 -12.11
C VAL A 8 7.46 2.82 -12.63
N LYS A 9 8.68 2.69 -13.13
CA LYS A 9 9.13 1.42 -13.64
C LYS A 9 9.70 0.60 -12.50
N LEU A 10 9.19 -0.60 -12.31
CA LEU A 10 9.65 -1.48 -11.22
C LEU A 10 10.92 -2.21 -11.63
N ASN A 11 11.66 -2.73 -10.65
CA ASN A 11 12.90 -3.35 -10.97
C ASN A 11 12.80 -4.67 -11.75
N ASP A 12 11.59 -5.17 -12.06
CA ASP A 12 11.45 -6.37 -12.89
C ASP A 12 10.95 -6.03 -14.32
N GLY A 13 10.94 -4.73 -14.67
CA GLY A 13 10.42 -4.29 -15.96
C GLY A 13 8.96 -3.88 -16.03
N HIS A 14 8.13 -4.33 -15.09
CA HIS A 14 6.73 -3.90 -15.04
C HIS A 14 6.57 -2.48 -14.51
N PHE A 15 5.38 -1.92 -14.66
CA PHE A 15 5.08 -0.52 -14.38
C PHE A 15 3.96 -0.35 -13.30
N MET A 16 4.16 0.56 -12.35
CA MET A 16 3.17 0.74 -11.27
C MET A 16 2.66 2.18 -11.35
N PRO A 17 1.33 2.36 -11.45
CA PRO A 17 0.82 3.76 -11.36
C PRO A 17 1.16 4.35 -9.95
N VAL A 18 1.61 5.61 -9.92
CA VAL A 18 2.17 6.27 -8.73
C VAL A 18 1.13 6.68 -7.70
N LEU A 19 -0.15 6.67 -8.09
CA LEU A 19 -1.22 6.91 -7.14
C LEU A 19 -2.18 5.73 -7.16
N GLY A 20 -2.43 5.18 -5.98
CA GLY A 20 -3.25 4.03 -5.84
C GLY A 20 -4.43 4.27 -4.93
N PHE A 21 -5.50 3.51 -5.20
CA PHE A 21 -6.74 3.59 -4.46
C PHE A 21 -6.71 2.56 -3.34
N GLY A 22 -6.95 3.00 -2.09
CA GLY A 22 -6.98 2.05 -0.96
C GLY A 22 -8.40 1.56 -0.76
N THR A 23 -8.56 0.24 -0.67
CA THR A 23 -9.88 -0.40 -0.61
C THR A 23 -10.30 -0.88 0.77
N TYR A 24 -9.47 -0.75 1.78
CA TYR A 24 -9.86 -1.26 3.07
C TYR A 24 -10.93 -0.40 3.69
N ALA A 25 -12.00 -1.05 4.14
CA ALA A 25 -12.93 -0.40 5.05
C ALA A 25 -13.24 -1.34 6.19
N PRO A 26 -13.53 -0.77 7.37
CA PRO A 26 -13.78 -1.66 8.52
C PRO A 26 -15.05 -2.56 8.32
N PRO A 27 -15.19 -3.63 9.12
CA PRO A 27 -16.28 -4.57 8.88
C PRO A 27 -17.67 -3.96 9.12
N GLU A 28 -17.79 -2.85 9.86
CA GLU A 28 -19.07 -2.17 9.91
C GLU A 28 -19.59 -1.65 8.55
N VAL A 29 -18.73 -1.57 7.52
CA VAL A 29 -19.17 -1.02 6.22
C VAL A 29 -19.65 -2.21 5.38
N PRO A 30 -20.91 -2.16 4.87
CA PRO A 30 -21.42 -3.17 3.93
C PRO A 30 -20.43 -3.54 2.79
N ARG A 31 -20.26 -4.83 2.56
CA ARG A 31 -19.30 -5.37 1.60
C ARG A 31 -19.51 -4.79 0.24
N SER A 32 -20.79 -4.56 -0.06
CA SER A 32 -21.15 -3.99 -1.34
C SER A 32 -20.65 -2.54 -1.55
N LYS A 33 -20.23 -1.79 -0.51
CA LYS A 33 -19.71 -0.42 -0.78
C LYS A 33 -18.39 -0.46 -1.55
N ALA A 34 -17.57 -1.49 -1.31
CA ALA A 34 -16.28 -1.62 -2.02
C ALA A 34 -16.48 -1.68 -3.54
N LEU A 35 -17.58 -2.29 -3.96
CA LEU A 35 -17.87 -2.44 -5.40
C LEU A 35 -18.14 -1.05 -6.03
N GLU A 36 -18.98 -0.29 -5.35
CA GLU A 36 -19.41 1.01 -5.78
C GLU A 36 -18.21 2.00 -5.78
N VAL A 37 -17.41 2.03 -4.71
CA VAL A 37 -16.36 3.06 -4.63
C VAL A 37 -15.17 2.64 -5.51
N THR A 38 -14.98 1.34 -5.76
CA THR A 38 -13.87 1.00 -6.66
C THR A 38 -14.23 1.39 -8.12
N LYS A 39 -15.51 1.22 -8.49
CA LYS A 39 -15.93 1.74 -9.80
C LYS A 39 -15.77 3.25 -9.88
N LEU A 40 -16.14 4.00 -8.84
CA LEU A 40 -15.92 5.48 -8.81
C LEU A 40 -14.43 5.86 -8.91
N ALA A 41 -13.58 5.11 -8.22
CA ALA A 41 -12.16 5.39 -8.27
C ALA A 41 -11.61 5.27 -9.69
N ILE A 42 -11.96 4.20 -10.38
CA ILE A 42 -11.54 3.94 -11.76
C ILE A 42 -12.11 5.03 -12.72
N GLU A 43 -13.39 5.37 -12.54
CA GLU A 43 -14.04 6.48 -13.29
C GLU A 43 -13.29 7.78 -13.08
N ALA A 44 -12.91 8.04 -11.84
CA ALA A 44 -12.14 9.24 -11.50
C ALA A 44 -10.70 9.26 -12.13
N GLY A 45 -10.15 8.10 -12.49
CA GLY A 45 -8.79 8.10 -13.02
C GLY A 45 -7.81 7.20 -12.29
N PHE A 46 -8.21 6.64 -11.15
CA PHE A 46 -7.31 5.69 -10.47
C PHE A 46 -7.11 4.45 -11.37
N ARG A 47 -5.86 3.98 -11.45
CA ARG A 47 -5.52 2.77 -12.22
C ARG A 47 -4.79 1.71 -11.37
N HIS A 48 -4.47 2.07 -10.14
CA HIS A 48 -3.78 1.18 -9.24
C HIS A 48 -4.78 0.97 -8.09
N ILE A 49 -5.04 -0.29 -7.77
CA ILE A 49 -6.11 -0.66 -6.82
C ILE A 49 -5.49 -1.54 -5.78
N ASP A 50 -5.57 -1.15 -4.51
CA ASP A 50 -4.84 -1.92 -3.46
C ASP A 50 -5.80 -2.79 -2.64
N SER A 51 -5.67 -4.11 -2.67
CA SER A 51 -6.58 -4.96 -1.84
C SER A 51 -5.74 -5.96 -1.06
N ALA A 52 -6.35 -6.97 -0.46
CA ALA A 52 -5.62 -7.95 0.39
C ALA A 52 -6.62 -9.03 0.76
N HIS A 53 -6.15 -10.25 0.96
CA HIS A 53 -7.06 -11.27 1.53
C HIS A 53 -7.73 -10.75 2.79
N LEU A 54 -6.94 -10.03 3.60
CA LEU A 54 -7.43 -9.54 4.89
C LEU A 54 -8.68 -8.67 4.76
N TYR A 55 -8.82 -7.97 3.64
CA TYR A 55 -9.86 -6.90 3.56
C TYR A 55 -11.28 -7.43 3.37
N ASN A 56 -11.39 -8.72 3.00
CA ASN A 56 -12.67 -9.45 2.86
C ASN A 56 -13.49 -8.70 1.77
N ASN A 57 -12.80 -8.21 0.74
CA ASN A 57 -13.50 -7.39 -0.31
C ASN A 57 -13.05 -7.70 -1.72
N GLU A 58 -12.22 -8.72 -1.86
CA GLU A 58 -11.65 -9.06 -3.14
C GLU A 58 -12.76 -9.45 -4.18
N GLU A 59 -13.87 -10.08 -3.76
CA GLU A 59 -14.93 -10.44 -4.69
C GLU A 59 -15.50 -9.12 -5.28
N GLN A 60 -15.79 -8.18 -4.39
CA GLN A 60 -16.40 -6.89 -4.76
CA GLN A 60 -16.41 -6.90 -4.79
C GLN A 60 -15.45 -6.02 -5.61
N VAL A 61 -14.18 -5.97 -5.19
CA VAL A 61 -13.14 -5.21 -5.91
C VAL A 61 -12.84 -5.79 -7.32
N GLY A 62 -12.72 -7.12 -7.42
CA GLY A 62 -12.52 -7.74 -8.73
C GLY A 62 -13.73 -7.52 -9.63
N LEU A 63 -14.94 -7.57 -9.07
CA LEU A 63 -16.18 -7.26 -9.84
C LEU A 63 -16.14 -5.82 -10.37
N ALA A 64 -15.75 -4.88 -9.53
CA ALA A 64 -15.61 -3.49 -9.97
C ALA A 64 -14.60 -3.36 -11.11
N ILE A 65 -13.43 -3.93 -10.95
CA ILE A 65 -12.49 -3.93 -12.07
C ILE A 65 -13.12 -4.59 -13.32
N ARG A 66 -13.71 -5.78 -13.17
CA ARG A 66 -14.26 -6.50 -14.36
C ARG A 66 -15.44 -5.78 -14.98
N SER A 67 -16.19 -5.08 -14.14
CA SER A 67 -17.31 -4.34 -14.61
C SER A 67 -16.84 -3.12 -15.47
N LYS A 68 -15.71 -2.53 -15.11
CA LYS A 68 -15.19 -1.35 -15.82
C LYS A 68 -14.43 -1.80 -17.05
N ILE A 69 -13.99 -3.05 -17.08
CA ILE A 69 -13.52 -3.63 -18.35
C ILE A 69 -14.71 -3.89 -19.28
N ALA A 70 -15.78 -4.50 -18.75
CA ALA A 70 -17.00 -4.85 -19.48
C ALA A 70 -17.67 -3.67 -20.17
N ASP A 71 -17.70 -2.50 -19.56
CA ASP A 71 -18.30 -1.34 -20.22
C ASP A 71 -17.31 -0.55 -21.11
N GLY A 72 -16.09 -1.05 -21.22
CA GLY A 72 -15.12 -0.48 -22.11
C GLY A 72 -14.37 0.71 -21.56
N SER A 73 -14.57 1.08 -20.27
CA SER A 73 -13.80 2.22 -19.70
C SER A 73 -12.27 1.95 -19.61
N VAL A 74 -11.88 0.69 -19.41
CA VAL A 74 -10.49 0.30 -19.27
C VAL A 74 -10.26 -1.09 -19.82
N LYS A 75 -9.00 -1.39 -20.12
CA LYS A 75 -8.56 -2.76 -20.44
C LYS A 75 -7.81 -3.35 -19.19
N ARG A 76 -7.74 -4.67 -19.13
CA ARG A 76 -7.16 -5.35 -17.96
C ARG A 76 -5.74 -4.85 -17.71
N GLU A 77 -5.00 -4.70 -18.82
CA GLU A 77 -3.63 -4.26 -18.77
C GLU A 77 -3.49 -2.76 -18.40
N ASP A 78 -4.60 -2.01 -18.40
CA ASP A 78 -4.58 -0.60 -17.90
C ASP A 78 -4.72 -0.58 -16.34
N ILE A 79 -5.17 -1.69 -15.73
CA ILE A 79 -5.34 -1.77 -14.28
C ILE A 79 -4.16 -2.47 -13.60
N PHE A 80 -3.67 -1.86 -12.52
CA PHE A 80 -2.69 -2.48 -11.63
C PHE A 80 -3.39 -2.89 -10.34
N TYR A 81 -3.56 -4.19 -10.14
CA TYR A 81 -4.30 -4.66 -8.99
C TYR A 81 -3.36 -5.42 -8.06
N THR A 82 -3.37 -5.07 -6.75
CA THR A 82 -2.43 -5.67 -5.75
C THR A 82 -3.28 -6.48 -4.82
N SER A 83 -2.86 -7.69 -4.48
CA SER A 83 -3.45 -8.31 -3.33
C SER A 83 -2.27 -8.70 -2.42
N LYS A 84 -2.59 -9.28 -1.27
CA LYS A 84 -1.55 -9.54 -0.26
C LYS A 84 -1.79 -10.86 0.42
N LEU A 85 -0.68 -11.51 0.70
CA LEU A 85 -0.66 -12.77 1.46
C LEU A 85 -0.85 -12.54 2.95
N TRP A 86 -1.90 -13.10 3.54
CA TRP A 86 -2.12 -12.88 4.93
C TRP A 86 -1.14 -13.72 5.79
N SER A 87 -0.94 -13.32 7.04
CA SER A 87 0.15 -13.80 7.89
C SER A 87 -0.07 -15.21 8.47
N THR A 88 -1.28 -15.77 8.31
CA THR A 88 -1.49 -17.17 8.64
C THR A 88 -1.08 -18.05 7.44
N PHE A 89 -0.66 -17.45 6.33
CA PHE A 89 -0.22 -18.25 5.20
C PHE A 89 1.26 -18.10 4.88
N HIS A 90 2.08 -17.75 5.86
CA HIS A 90 3.51 -17.61 5.52
C HIS A 90 4.23 -18.93 5.16
N ARG A 91 3.70 -20.07 5.62
CA ARG A 91 4.40 -21.35 5.35
C ARG A 91 4.50 -21.54 3.83
N PRO A 92 5.70 -21.86 3.31
CA PRO A 92 5.84 -21.82 1.85
C PRO A 92 4.79 -22.63 1.11
N GLU A 93 4.31 -23.75 1.66
CA GLU A 93 3.35 -24.55 0.88
C GLU A 93 1.97 -23.88 0.82
N LEU A 94 1.74 -22.86 1.66
CA LEU A 94 0.44 -22.16 1.66
C LEU A 94 0.38 -20.95 0.75
N VAL A 95 1.54 -20.47 0.27
CA VAL A 95 1.58 -19.19 -0.49
C VAL A 95 0.80 -19.27 -1.84
N ARG A 96 1.17 -20.21 -2.72
CA ARG A 96 0.40 -20.39 -3.99
C ARG A 96 -1.11 -20.64 -3.77
N PRO A 97 -1.54 -21.63 -2.93
CA PRO A 97 -3.00 -21.75 -2.79
C PRO A 97 -3.60 -20.43 -2.27
N ALA A 98 -2.93 -19.69 -1.38
CA ALA A 98 -3.53 -18.45 -0.87
C ALA A 98 -3.74 -17.46 -2.01
N LEU A 99 -2.72 -17.36 -2.88
CA LEU A 99 -2.83 -16.48 -4.05
C LEU A 99 -3.95 -16.91 -5.03
N GLU A 100 -4.03 -18.21 -5.29
CA GLU A 100 -5.04 -18.71 -6.22
C GLU A 100 -6.42 -18.46 -5.64
N ASN A 101 -6.56 -18.50 -4.31
CA ASN A 101 -7.85 -18.10 -3.69
C ASN A 101 -8.25 -16.64 -3.87
N SER A 102 -7.26 -15.75 -3.68
CA SER A 102 -7.46 -14.31 -3.91
C SER A 102 -7.84 -14.13 -5.41
N LEU A 103 -7.13 -14.80 -6.32
CA LEU A 103 -7.51 -14.77 -7.77
C LEU A 103 -8.92 -15.27 -8.05
N LYS A 104 -9.30 -16.43 -7.51
CA LYS A 104 -10.66 -16.95 -7.70
C LYS A 104 -11.70 -15.96 -7.14
N LYS A 105 -11.43 -15.38 -5.97
CA LYS A 105 -12.38 -14.41 -5.38
C LYS A 105 -12.62 -13.23 -6.28
N ALA A 106 -11.51 -12.66 -6.81
CA ALA A 106 -11.59 -11.52 -7.68
C ALA A 106 -12.02 -11.90 -9.09
N GLN A 107 -11.88 -13.20 -9.43
CA GLN A 107 -12.14 -13.72 -10.78
C GLN A 107 -11.19 -13.11 -11.79
N LEU A 108 -9.90 -13.05 -11.48
CA LEU A 108 -8.91 -12.48 -12.40
C LEU A 108 -7.91 -13.58 -12.74
N ASP A 109 -7.24 -13.45 -13.87
CA ASP A 109 -6.18 -14.42 -14.22
C ASP A 109 -4.90 -14.23 -13.50
N TYR A 110 -4.61 -12.99 -13.08
CA TYR A 110 -3.37 -12.70 -12.36
C TYR A 110 -3.53 -11.41 -11.52
N VAL A 111 -2.68 -11.22 -10.52
CA VAL A 111 -2.58 -9.93 -9.90
C VAL A 111 -1.35 -9.29 -10.45
N ASP A 112 -1.39 -7.98 -10.61
CA ASP A 112 -0.18 -7.27 -11.00
C ASP A 112 0.89 -7.29 -9.91
N LEU A 113 0.42 -7.41 -8.66
CA LEU A 113 1.35 -7.29 -7.58
C LEU A 113 0.88 -8.17 -6.43
N TYR A 114 1.79 -8.96 -5.83
CA TYR A 114 1.39 -9.74 -4.66
C TYR A 114 2.37 -9.49 -3.53
N LEU A 115 1.89 -9.23 -2.31
CA LEU A 115 2.84 -8.83 -1.29
C LEU A 115 2.67 -9.76 -0.13
N ILE A 116 3.77 -9.96 0.60
CA ILE A 116 3.69 -10.45 1.95
C ILE A 116 3.18 -9.29 2.80
N HIS A 117 2.01 -9.48 3.40
CA HIS A 117 1.26 -8.37 3.99
C HIS A 117 2.00 -7.83 5.21
N SER A 118 2.72 -8.73 5.88
CA SER A 118 3.39 -8.37 7.09
C SER A 118 4.40 -9.43 7.43
N PRO A 119 5.50 -9.04 8.12
CA PRO A 119 6.44 -10.08 8.56
C PRO A 119 5.98 -10.83 9.82
N MET A 120 4.87 -10.45 10.42
CA MET A 120 4.57 -10.99 11.72
C MET A 120 3.73 -12.23 11.62
N SER A 121 4.37 -13.40 11.49
CA SER A 121 3.66 -14.65 11.20
C SER A 121 2.70 -15.11 12.31
N LEU A 122 1.56 -15.66 11.86
CA LEU A 122 0.47 -16.17 12.71
C LEU A 122 0.26 -17.67 12.48
N LYS A 123 -0.20 -18.40 13.51
CA LYS A 123 -0.45 -19.86 13.37
C LYS A 123 -1.44 -20.13 12.22
N PRO A 124 -1.04 -21.01 11.24
CA PRO A 124 -1.80 -21.39 9.99
C PRO A 124 -3.26 -21.83 10.15
N ILE A 138 -2.07 -16.27 18.82
CA ILE A 138 -1.04 -17.30 18.59
C ILE A 138 -0.07 -17.00 17.40
N PHE A 139 1.19 -16.66 17.72
CA PHE A 139 2.21 -16.32 16.70
C PHE A 139 2.82 -17.60 16.08
N ASP A 140 3.56 -17.48 14.97
CA ASP A 140 4.25 -18.61 14.34
C ASP A 140 5.71 -18.17 14.11
N ILE A 141 6.62 -19.11 13.92
CA ILE A 141 8.02 -18.78 13.58
C ILE A 141 8.26 -19.36 12.19
N VAL A 142 8.46 -18.49 11.21
CA VAL A 142 8.64 -18.93 9.84
C VAL A 142 9.86 -18.23 9.26
N ASP A 143 10.73 -19.00 8.61
CA ASP A 143 11.82 -18.43 7.82
C ASP A 143 11.24 -17.70 6.61
N LEU A 144 11.08 -16.37 6.72
CA LEU A 144 10.49 -15.59 5.60
C LEU A 144 11.23 -15.65 4.25
N CYS A 145 12.51 -16.01 4.29
CA CYS A 145 13.23 -16.40 3.08
C CYS A 145 12.57 -17.56 2.35
N THR A 146 11.95 -18.50 3.06
CA THR A 146 11.24 -19.63 2.41
C THR A 146 9.89 -19.19 1.86
N THR A 147 9.23 -18.29 2.62
CA THR A 147 8.01 -17.66 2.10
C THR A 147 8.33 -17.01 0.79
N TRP A 148 9.43 -16.28 0.76
CA TRP A 148 9.82 -15.49 -0.41
C TRP A 148 10.07 -16.37 -1.64
N GLU A 149 10.71 -17.52 -1.42
CA GLU A 149 10.95 -18.47 -2.50
C GLU A 149 9.65 -18.90 -3.08
N ALA A 150 8.65 -19.09 -2.24
CA ALA A 150 7.32 -19.51 -2.78
C ALA A 150 6.58 -18.36 -3.53
N MET A 151 6.86 -17.09 -3.18
CA MET A 151 6.35 -15.95 -3.96
C MET A 151 7.04 -15.89 -5.31
N GLU A 152 8.35 -16.16 -5.31
CA GLU A 152 9.09 -16.22 -6.57
C GLU A 152 8.48 -17.23 -7.52
N LYS A 153 8.22 -18.43 -7.04
CA LYS A 153 7.55 -19.40 -7.89
C LYS A 153 6.19 -18.89 -8.45
N CYS A 154 5.48 -18.05 -7.67
CA CYS A 154 4.15 -17.53 -8.13
C CYS A 154 4.31 -16.56 -9.30
N LYS A 155 5.39 -15.76 -9.24
CA LYS A 155 5.72 -14.90 -10.36
C LYS A 155 6.17 -15.79 -11.55
N ASP A 156 6.96 -16.81 -11.27
CA ASP A 156 7.33 -17.75 -12.36
C ASP A 156 6.11 -18.31 -13.04
N ALA A 157 5.11 -18.71 -12.26
CA ALA A 157 3.85 -19.27 -12.80
C ALA A 157 2.95 -18.29 -13.52
N GLY A 158 3.20 -16.98 -13.40
CA GLY A 158 2.35 -15.98 -14.07
C GLY A 158 1.09 -15.64 -13.26
N LEU A 159 1.06 -16.01 -11.98
CA LEU A 159 -0.09 -15.71 -11.07
C LEU A 159 -0.02 -14.26 -10.56
N ALA A 160 1.21 -13.78 -10.39
CA ALA A 160 1.53 -12.40 -10.02
C ALA A 160 2.54 -11.88 -11.04
N LYS A 161 2.30 -10.73 -11.67
CA LYS A 161 3.33 -10.07 -12.52
C LYS A 161 4.54 -9.61 -11.75
N SER A 162 4.30 -9.03 -10.56
CA SER A 162 5.40 -8.60 -9.68
C SER A 162 5.12 -9.08 -8.29
N ILE A 163 6.20 -9.22 -7.51
CA ILE A 163 6.05 -9.57 -6.05
C ILE A 163 6.83 -8.57 -5.21
N GLY A 164 6.36 -8.31 -3.98
CA GLY A 164 6.97 -7.33 -3.07
C GLY A 164 6.61 -7.66 -1.62
N VAL A 165 6.97 -6.77 -0.71
CA VAL A 165 6.75 -6.98 0.69
C VAL A 165 5.99 -5.76 1.28
N SER A 166 5.43 -5.93 2.46
CA SER A 166 4.77 -4.84 3.11
C SER A 166 5.13 -4.90 4.64
N ASN A 167 5.34 -3.73 5.25
CA ASN A 167 5.68 -3.61 6.66
C ASN A 167 7.05 -4.20 7.05
N PHE A 168 8.00 -4.26 6.10
CA PHE A 168 9.31 -4.81 6.44
C PHE A 168 10.19 -3.63 6.83
N ASN A 169 10.99 -3.78 7.88
CA ASN A 169 11.92 -2.73 8.23
C ASN A 169 13.23 -3.00 7.43
N ARG A 170 14.25 -2.18 7.63
CA ARG A 170 15.49 -2.35 6.83
C ARG A 170 16.13 -3.74 6.99
N ARG A 171 16.25 -4.21 8.23
CA ARG A 171 16.86 -5.52 8.51
C ARG A 171 16.07 -6.67 7.90
N GLN A 172 14.73 -6.58 7.93
CA GLN A 172 13.95 -7.72 7.34
C GLN A 172 14.05 -7.73 5.81
N LEU A 173 14.13 -6.56 5.19
CA LEU A 173 14.30 -6.47 3.77
C LEU A 173 15.74 -6.98 3.38
N GLU A 174 16.74 -6.64 4.19
CA GLU A 174 18.11 -7.07 3.91
C GLU A 174 18.19 -8.59 3.93
N MET A 175 17.40 -9.23 4.78
CA MET A 175 17.34 -10.68 4.84
C MET A 175 16.93 -11.21 3.51
N ILE A 176 15.88 -10.62 2.93
CA ILE A 176 15.47 -11.10 1.61
C ILE A 176 16.60 -10.83 0.59
N LEU A 177 17.08 -9.60 0.53
CA LEU A 177 18.04 -9.17 -0.48
C LEU A 177 19.36 -9.95 -0.43
N ASN A 178 19.78 -10.38 0.76
CA ASN A 178 20.97 -11.25 0.92
C ASN A 178 20.74 -12.76 0.94
N LYS A 179 19.51 -13.21 0.70
CA LYS A 179 19.21 -14.66 0.59
C LYS A 179 20.11 -15.44 -0.46
N PRO A 180 20.77 -16.53 -0.04
CA PRO A 180 21.47 -17.35 -1.05
C PRO A 180 20.60 -17.76 -2.26
N GLY A 181 21.02 -17.40 -3.48
CA GLY A 181 20.29 -17.76 -4.70
C GLY A 181 18.95 -17.06 -4.94
N LEU A 182 18.73 -15.90 -4.32
CA LEU A 182 17.61 -15.02 -4.61
C LEU A 182 17.36 -14.91 -6.11
N LYS A 183 16.13 -15.10 -6.57
CA LYS A 183 15.82 -14.87 -7.99
C LYS A 183 15.21 -13.52 -8.30
N TYR A 184 14.32 -13.00 -7.45
CA TYR A 184 13.69 -11.70 -7.72
C TYR A 184 13.68 -10.88 -6.46
N LYS A 185 14.24 -9.68 -6.56
CA LYS A 185 14.10 -8.62 -5.56
C LYS A 185 12.61 -8.27 -5.39
N PRO A 186 12.17 -7.95 -4.13
CA PRO A 186 10.82 -7.32 -3.96
C PRO A 186 10.79 -6.08 -4.82
N VAL A 187 9.71 -5.84 -5.57
CA VAL A 187 9.69 -4.60 -6.39
C VAL A 187 9.40 -3.39 -5.48
N CYS A 188 8.91 -3.66 -4.26
CA CYS A 188 8.38 -2.56 -3.36
C CYS A 188 8.32 -3.05 -1.93
N ASN A 189 8.25 -2.08 -1.03
CA ASN A 189 7.92 -2.30 0.38
C ASN A 189 6.79 -1.32 0.71
N GLN A 190 5.59 -1.85 0.96
CA GLN A 190 4.49 -0.99 1.28
C GLN A 190 4.42 -0.79 2.83
N VAL A 191 4.54 0.47 3.28
CA VAL A 191 4.72 0.76 4.71
C VAL A 191 3.92 2.00 5.07
N GLU A 192 3.68 2.18 6.38
CA GLU A 192 3.09 3.37 6.91
C GLU A 192 4.00 4.52 6.62
N CYS A 193 3.46 5.60 6.02
CA CYS A 193 4.34 6.69 5.58
C CYS A 193 3.51 7.93 5.33
N HIS A 194 3.84 9.02 6.04
CA HIS A 194 3.11 10.27 5.98
C HIS A 194 3.99 11.33 6.70
N PRO A 195 3.59 12.61 6.66
CA PRO A 195 4.45 13.65 7.27
C PRO A 195 4.82 13.46 8.75
N TYR A 196 4.01 12.73 9.50
CA TYR A 196 4.42 12.45 10.91
C TYR A 196 5.37 11.32 11.06
N PHE A 197 5.56 10.55 9.99
CA PHE A 197 6.34 9.33 10.08
C PHE A 197 6.86 9.12 8.67
N ASN A 198 7.78 9.97 8.24
CA ASN A 198 8.05 10.06 6.79
C ASN A 198 9.03 9.04 6.24
N ARG A 199 9.59 8.21 7.12
CA ARG A 199 10.49 7.08 6.77
C ARG A 199 11.74 7.39 5.92
N SER A 200 12.33 8.57 6.13
N SER A 200 12.33 8.58 6.11
CA SER A 200 13.40 9.11 5.26
CA SER A 200 13.39 9.08 5.20
C SER A 200 14.50 8.10 5.08
C SER A 200 14.60 8.18 5.09
N LYS A 201 14.98 7.53 6.18
CA LYS A 201 16.09 6.52 6.13
C LYS A 201 15.71 5.23 5.38
N LEU A 202 14.55 4.68 5.67
CA LEU A 202 14.04 3.52 4.96
C LEU A 202 13.84 3.88 3.45
N LEU A 203 13.30 5.07 3.17
CA LEU A 203 13.13 5.54 1.79
C LEU A 203 14.51 5.59 1.07
N ASP A 204 15.53 6.15 1.71
CA ASP A 204 16.89 6.20 1.10
C ASP A 204 17.44 4.83 0.79
N PHE A 205 17.25 3.92 1.74
CA PHE A 205 17.69 2.56 1.54
C PHE A 205 16.98 1.90 0.35
N CYS A 206 15.64 2.01 0.32
CA CYS A 206 14.89 1.48 -0.82
C CYS A 206 15.38 2.07 -2.17
N LYS A 207 15.61 3.38 -2.26
CA LYS A 207 16.01 4.01 -3.51
C LYS A 207 17.37 3.46 -3.96
N SER A 208 18.25 3.18 -3.00
CA SER A 208 19.57 2.65 -3.30
C SER A 208 19.49 1.23 -3.79
N LYS A 209 18.34 0.57 -3.59
CA LYS A 209 18.19 -0.80 -4.08
C LYS A 209 17.18 -0.92 -5.23
N ASP A 210 16.75 0.22 -5.77
CA ASP A 210 15.74 0.24 -6.80
C ASP A 210 14.46 -0.48 -6.30
N ILE A 211 14.16 -0.32 -5.01
CA ILE A 211 12.91 -0.80 -4.43
C ILE A 211 12.01 0.39 -4.21
N VAL A 212 10.80 0.33 -4.74
CA VAL A 212 9.85 1.40 -4.52
C VAL A 212 9.23 1.37 -3.11
N LEU A 213 9.21 2.51 -2.41
CA LEU A 213 8.44 2.61 -1.21
C LEU A 213 7.02 3.04 -1.55
N VAL A 214 6.06 2.28 -1.09
CA VAL A 214 4.67 2.63 -1.30
C VAL A 214 4.11 3.05 0.06
N ALA A 215 3.54 4.26 0.14
CA ALA A 215 2.98 4.78 1.36
C ALA A 215 1.49 4.43 1.61
N TYR A 216 1.21 3.78 2.75
CA TYR A 216 -0.18 3.68 3.25
C TYR A 216 -0.37 4.58 4.48
N SER A 217 -1.66 4.80 4.88
CA SER A 217 -2.02 5.82 5.85
C SER A 217 -1.32 7.17 5.50
N ALA A 218 -1.14 7.44 4.21
CA ALA A 218 -0.58 8.72 3.76
C ALA A 218 -1.46 9.89 4.17
N LEU A 219 -2.72 9.60 4.53
CA LEU A 219 -3.64 10.68 4.88
C LEU A 219 -3.93 10.64 6.38
N GLY A 220 -3.13 9.91 7.14
CA GLY A 220 -3.34 9.91 8.58
C GLY A 220 -3.99 8.67 9.15
N SER A 221 -4.27 7.67 8.30
CA SER A 221 -4.95 6.37 8.69
C SER A 221 -6.49 6.58 8.89
N GLN A 222 -7.24 5.48 9.02
CA GLN A 222 -8.67 5.58 9.27
C GLN A 222 -8.92 5.81 10.76
N ARG A 223 -7.86 5.85 11.56
CA ARG A 223 -8.00 6.06 13.00
C ARG A 223 -8.95 4.98 13.59
N ASP A 224 -8.77 3.73 13.16
CA ASP A 224 -9.63 2.67 13.70
C ASP A 224 -9.26 2.47 15.20
N LYS A 225 -10.22 2.54 16.12
CA LYS A 225 -9.92 2.46 17.57
C LYS A 225 -9.27 1.13 18.05
N ARG A 226 -9.40 0.07 17.24
CA ARG A 226 -8.71 -1.18 17.57
C ARG A 226 -7.19 -1.06 17.46
N TRP A 227 -6.66 -0.11 16.69
CA TRP A 227 -5.17 -0.03 16.58
C TRP A 227 -4.59 1.36 16.68
N VAL A 228 -5.48 2.34 16.70
CA VAL A 228 -5.04 3.71 16.67
C VAL A 228 -5.60 4.41 17.90
N ASP A 229 -4.71 5.02 18.66
CA ASP A 229 -5.10 5.83 19.75
C ASP A 229 -5.81 7.15 19.32
N PRO A 230 -7.09 7.29 19.74
CA PRO A 230 -7.86 8.43 19.20
C PRO A 230 -7.28 9.75 19.74
N ASN A 231 -6.38 9.69 20.75
CA ASN A 231 -5.67 10.90 21.26
C ASN A 231 -4.50 11.31 20.34
N SER A 232 -4.04 10.39 19.52
CA SER A 232 -3.03 10.76 18.50
C SER A 232 -3.42 12.03 17.63
N PRO A 233 -2.45 12.87 17.25
CA PRO A 233 -2.89 14.05 16.49
C PRO A 233 -3.47 13.67 15.14
N VAL A 234 -4.36 14.51 14.63
CA VAL A 234 -5.09 14.19 13.42
C VAL A 234 -4.24 14.79 12.26
N LEU A 235 -3.64 13.93 11.44
CA LEU A 235 -2.70 14.47 10.43
C LEU A 235 -3.31 15.61 9.60
N LEU A 236 -4.53 15.40 9.08
CA LEU A 236 -5.13 16.37 8.16
C LEU A 236 -5.56 17.70 8.83
N GLU A 237 -5.38 17.78 10.14
CA GLU A 237 -5.59 19.04 10.85
C GLU A 237 -4.29 19.73 11.19
N ASP A 238 -3.20 19.20 10.66
CA ASP A 238 -1.94 19.78 10.97
C ASP A 238 -1.84 21.26 10.46
N PRO A 239 -1.34 22.20 11.27
CA PRO A 239 -1.38 23.60 10.80
C PRO A 239 -0.46 23.90 9.62
N VAL A 240 0.64 23.14 9.46
CA VAL A 240 1.55 23.37 8.35
C VAL A 240 0.86 22.86 7.11
N LEU A 241 0.30 21.66 7.15
CA LEU A 241 -0.53 21.22 6.00
C LEU A 241 -1.68 22.16 5.66
N CYS A 242 -2.36 22.71 6.68
CA CYS A 242 -3.46 23.62 6.42
CA CYS A 242 -3.49 23.64 6.45
C CYS A 242 -2.95 24.89 5.74
N ALA A 243 -1.88 25.44 6.27
CA ALA A 243 -1.26 26.63 5.72
C ALA A 243 -0.73 26.35 4.28
N LEU A 244 -0.22 25.14 4.02
CA LEU A 244 0.14 24.81 2.62
C LEU A 244 -1.06 24.67 1.72
N ALA A 245 -2.14 24.11 2.27
CA ALA A 245 -3.36 23.88 1.50
C ALA A 245 -3.96 25.24 1.13
N LYS A 246 -3.90 26.21 2.05
CA LYS A 246 -4.44 27.58 1.77
C LYS A 246 -3.51 28.31 0.74
N LYS A 247 -2.18 28.10 0.83
CA LYS A 247 -1.24 28.73 -0.14
C LYS A 247 -1.52 28.22 -1.55
N HIS A 248 -1.77 26.91 -1.71
CA HIS A 248 -1.95 26.38 -3.02
C HIS A 248 -3.41 26.35 -3.46
N LYS A 249 -4.30 26.77 -2.57
CA LYS A 249 -5.78 26.61 -2.74
C LYS A 249 -6.14 25.18 -3.12
N ARG A 250 -5.61 24.25 -2.35
CA ARG A 250 -5.94 22.82 -2.50
C ARG A 250 -6.46 22.36 -1.14
N THR A 251 -6.16 21.13 -0.72
CA THR A 251 -6.63 20.68 0.58
C THR A 251 -5.48 20.02 1.30
N PRO A 252 -5.61 19.84 2.62
CA PRO A 252 -4.54 19.16 3.34
C PRO A 252 -4.26 17.76 2.82
N ALA A 253 -5.31 17.00 2.48
CA ALA A 253 -5.10 15.69 1.88
C ALA A 253 -4.24 15.75 0.62
N LEU A 254 -4.56 16.68 -0.27
CA LEU A 254 -3.77 16.84 -1.50
C LEU A 254 -2.29 17.22 -1.27
N ILE A 255 -2.05 18.10 -0.30
CA ILE A 255 -0.67 18.46 0.06
C ILE A 255 0.09 17.18 0.48
N ALA A 256 -0.53 16.36 1.32
CA ALA A 256 0.10 15.14 1.88
C ALA A 256 0.39 14.07 0.83
N LEU A 257 -0.51 13.99 -0.17
CA LEU A 257 -0.32 13.10 -1.29
C LEU A 257 0.79 13.62 -2.22
N ARG A 258 0.76 14.93 -2.57
CA ARG A 258 1.74 15.48 -3.49
C ARG A 258 3.14 15.37 -2.85
N TYR A 259 3.19 15.51 -1.52
CA TYR A 259 4.47 15.40 -0.79
C TYR A 259 5.15 14.05 -1.14
N GLN A 260 4.40 12.96 -1.06
CA GLN A 260 4.98 11.64 -1.36
C GLN A 260 5.44 11.57 -2.80
N LEU A 261 4.60 12.02 -3.74
CA LEU A 261 4.99 11.85 -5.19
C LEU A 261 6.34 12.54 -5.46
N GLN A 262 6.57 13.70 -4.82
CA GLN A 262 7.80 14.49 -5.10
C GLN A 262 9.00 13.90 -4.36
N ARG A 263 8.73 13.01 -3.37
CA ARG A 263 9.78 12.21 -2.72
CA ARG A 263 9.79 12.24 -2.76
C ARG A 263 10.04 10.93 -3.49
N GLY A 264 9.32 10.67 -4.60
CA GLY A 264 9.54 9.45 -5.35
C GLY A 264 8.86 8.27 -4.62
N VAL A 265 7.86 8.58 -3.82
CA VAL A 265 7.04 7.54 -3.13
C VAL A 265 5.74 7.31 -3.90
N VAL A 266 5.38 6.04 -4.15
CA VAL A 266 4.07 5.70 -4.69
C VAL A 266 3.12 5.80 -3.51
N VAL A 267 2.00 6.50 -3.71
CA VAL A 267 1.14 6.80 -2.56
C VAL A 267 -0.26 6.22 -2.72
N LEU A 268 -0.78 5.58 -1.68
CA LEU A 268 -2.18 5.07 -1.71
C LEU A 268 -3.06 6.13 -1.08
N ALA A 269 -4.36 6.11 -1.39
CA ALA A 269 -5.34 6.96 -0.73
C ALA A 269 -6.64 6.19 -0.67
N LYS A 270 -7.12 5.96 0.55
CA LYS A 270 -8.46 5.34 0.75
C LYS A 270 -9.48 6.48 0.84
N SER A 271 -10.56 6.42 0.06
CA SER A 271 -11.77 7.19 0.35
C SER A 271 -12.96 6.37 -0.06
N TYR A 272 -13.98 6.29 0.79
CA TYR A 272 -15.24 5.73 0.36
C TYR A 272 -16.22 6.87 0.02
N ASN A 273 -15.69 8.06 -0.21
CA ASN A 273 -16.57 9.23 -0.43
C ASN A 273 -16.42 9.71 -1.86
N GLU A 274 -17.52 9.77 -2.62
CA GLU A 274 -17.47 10.21 -4.03
C GLU A 274 -16.74 11.53 -4.28
N GLN A 275 -17.04 12.58 -3.49
CA GLN A 275 -16.32 13.87 -3.67
C GLN A 275 -14.81 13.67 -3.43
N ARG A 276 -14.47 13.02 -2.29
CA ARG A 276 -13.04 12.88 -1.96
C ARG A 276 -12.23 12.03 -2.94
N ILE A 277 -12.82 10.94 -3.42
CA ILE A 277 -12.21 10.06 -4.43
C ILE A 277 -11.83 10.91 -5.64
N ARG A 278 -12.75 11.76 -6.08
CA ARG A 278 -12.47 12.60 -7.24
C ARG A 278 -11.43 13.72 -6.89
N GLN A 279 -11.53 14.30 -5.69
CA GLN A 279 -10.55 15.28 -5.26
C GLN A 279 -9.12 14.71 -5.31
N ASN A 280 -8.95 13.47 -4.88
CA ASN A 280 -7.61 12.97 -4.71
C ASN A 280 -6.79 12.90 -6.00
N VAL A 281 -7.46 12.68 -7.14
CA VAL A 281 -6.75 12.64 -8.42
C VAL A 281 -6.18 14.01 -8.80
N GLN A 282 -6.63 15.08 -8.16
CA GLN A 282 -6.07 16.38 -8.45
C GLN A 282 -4.57 16.45 -8.04
N VAL A 283 -4.06 15.44 -7.34
CA VAL A 283 -2.65 15.49 -6.92
C VAL A 283 -1.72 15.70 -8.13
N PHE A 284 -2.17 15.31 -9.34
CA PHE A 284 -1.34 15.53 -10.54
C PHE A 284 -1.34 16.98 -11.06
N GLU A 285 -2.14 17.85 -10.46
CA GLU A 285 -2.48 19.14 -11.09
C GLU A 285 -1.71 20.24 -10.50
N PHE A 286 -0.88 19.97 -9.50
CA PHE A 286 -0.08 21.05 -8.97
C PHE A 286 1.23 20.49 -8.38
N GLN A 287 2.11 21.40 -7.97
CA GLN A 287 3.31 20.98 -7.26
C GLN A 287 3.72 21.90 -6.12
N LEU A 288 4.56 21.36 -5.26
CA LEU A 288 5.11 22.04 -4.14
C LEU A 288 6.58 22.49 -4.45
N THR A 289 7.02 23.58 -3.83
CA THR A 289 8.37 24.10 -3.98
C THR A 289 9.27 23.41 -2.95
N ALA A 290 10.58 23.62 -3.07
CA ALA A 290 11.55 23.17 -2.07
C ALA A 290 11.20 23.61 -0.65
N GLU A 291 10.79 24.86 -0.48
CA GLU A 291 10.45 25.38 0.80
C GLU A 291 9.22 24.67 1.35
N ASP A 292 8.24 24.40 0.51
CA ASP A 292 7.06 23.62 0.92
C ASP A 292 7.50 22.24 1.39
N MET A 293 8.32 21.58 0.57
CA MET A 293 8.80 20.23 0.92
C MET A 293 9.58 20.19 2.28
N LYS A 294 10.48 21.16 2.47
CA LYS A 294 11.23 21.26 3.72
C LYS A 294 10.29 21.47 4.96
N ALA A 295 9.27 22.35 4.84
CA ALA A 295 8.27 22.52 5.90
C ALA A 295 7.53 21.19 6.21
N ILE A 296 7.19 20.42 5.19
CA ILE A 296 6.50 19.15 5.45
C ILE A 296 7.50 18.12 6.09
N ASP A 297 8.76 18.06 5.61
CA ASP A 297 9.77 17.16 6.18
C ASP A 297 10.03 17.49 7.68
N GLY A 298 9.81 18.74 8.05
CA GLY A 298 10.01 19.17 9.42
C GLY A 298 8.87 18.72 10.36
N LEU A 299 7.76 18.16 9.83
CA LEU A 299 6.70 17.51 10.64
C LEU A 299 7.02 16.10 11.22
N ASP A 300 8.06 15.46 10.72
CA ASP A 300 8.38 14.08 11.08
C ASP A 300 8.46 13.94 12.60
N ARG A 301 7.72 13.01 13.19
CA ARG A 301 7.82 12.85 14.63
C ARG A 301 7.78 11.40 15.07
N ASN A 302 8.21 10.51 14.19
CA ASN A 302 8.31 9.12 14.55
C ASN A 302 6.93 8.57 15.08
N LEU A 303 5.84 9.00 14.49
CA LEU A 303 4.52 8.57 14.90
C LEU A 303 3.85 7.61 13.90
N HIS A 304 3.81 6.32 14.27
CA HIS A 304 3.02 5.36 13.53
C HIS A 304 1.67 5.28 14.19
N TYR A 305 0.63 5.50 13.39
CA TYR A 305 -0.72 5.43 13.89
C TYR A 305 -1.15 4.05 14.36
N PHE A 306 -0.72 3.00 13.64
CA PHE A 306 -0.98 1.64 14.08
C PHE A 306 -0.05 1.37 15.24
N ASN A 307 -0.62 1.21 16.42
CA ASN A 307 0.19 1.21 17.64
C ASN A 307 -0.54 0.36 18.61
N SER A 308 -0.38 -0.95 18.48
CA SER A 308 -1.20 -1.88 19.25
C SER A 308 -0.41 -3.04 19.83
N ASP A 309 -0.73 -3.45 21.06
CA ASP A 309 -0.22 -4.70 21.60
C ASP A 309 -0.24 -5.83 20.58
N SER A 310 -1.27 -5.88 19.71
CA SER A 310 -1.37 -7.02 18.75
C SER A 310 -0.17 -7.11 17.83
N PHE A 311 0.54 -6.00 17.64
CA PHE A 311 1.69 -6.05 16.74
C PHE A 311 2.92 -5.96 17.62
N ALA A 312 2.87 -5.09 18.63
CA ALA A 312 4.06 -4.71 19.38
C ALA A 312 4.68 -5.85 20.15
N SER A 313 3.86 -6.81 20.57
CA SER A 313 4.37 -7.96 21.33
C SER A 313 4.88 -9.06 20.42
N HIS A 314 4.82 -8.88 19.09
CA HIS A 314 5.22 -9.95 18.14
C HIS A 314 6.74 -10.02 17.98
N PRO A 315 7.34 -11.23 17.90
CA PRO A 315 8.84 -11.23 17.82
C PRO A 315 9.43 -10.61 16.54
N ASN A 316 8.65 -10.49 15.48
CA ASN A 316 9.10 -9.86 14.25
C ASN A 316 8.45 -8.48 13.97
N TYR A 317 7.95 -7.86 15.03
CA TYR A 317 7.41 -6.51 14.96
C TYR A 317 8.35 -5.61 14.21
N PRO A 318 7.89 -5.01 13.10
CA PRO A 318 8.77 -4.17 12.29
C PRO A 318 9.33 -2.92 12.98
N TYR A 319 8.60 -2.37 13.96
CA TYR A 319 9.05 -1.13 14.57
C TYR A 319 9.98 -1.36 15.78
N SER A 320 10.37 -2.60 16.04
CA SER A 320 11.34 -2.88 17.14
C SER A 320 12.72 -2.33 16.71
N ASP A 321 12.81 -1.99 15.42
CA ASP A 321 13.61 -0.88 14.93
C ASP A 321 15.00 -1.36 14.68
PA NAP B . -5.79 6.76 4.28
O1A NAP B . -5.38 6.60 2.91
O2A NAP B . -4.66 7.29 5.23
O5B NAP B . -7.09 7.72 4.49
C5B NAP B . -7.47 8.13 5.88
C4B NAP B . -8.94 8.75 5.77
O4B NAP B . -8.66 9.83 4.81
C3B NAP B . -9.84 7.88 4.94
O3B NAP B . -10.67 7.03 5.73
C2B NAP B . -10.65 8.92 4.15
O2B NAP B . -12.02 9.10 4.70
C1B NAP B . -9.95 10.21 4.36
N9A NAP B . -9.78 10.91 3.03
C8A NAP B . -9.58 10.38 1.80
N7A NAP B . -9.45 11.40 0.95
C5A NAP B . -9.61 12.52 1.62
C6A NAP B . -9.62 13.87 1.24
N6A NAP B . -9.41 14.25 -0.06
N1A NAP B . -9.81 14.79 2.21
C2A NAP B . -10.03 14.46 3.52
N3A NAP B . -10.03 13.18 3.93
C4A NAP B . -9.81 12.22 2.96
O3 NAP B . -6.30 5.31 4.77
PN NAP B . -5.64 3.91 5.19
O1N NAP B . -6.79 3.01 4.96
O2N NAP B . -4.86 3.89 6.48
O5D NAP B . -4.52 3.72 3.92
C5D NAP B . -5.01 3.54 2.54
C4D NAP B . -4.84 2.09 2.01
O4D NAP B . -3.51 1.61 2.25
C3D NAP B . -5.54 1.13 2.91
O3D NAP B . -6.93 1.24 2.56
C2D NAP B . -5.12 -0.20 2.36
O2D NAP B . -5.52 -0.30 0.96
C1D NAP B . -3.65 0.13 2.41
N1N NAP B . -3.12 -0.06 3.76
C2N NAP B . -2.25 -1.14 3.86
C3N NAP B . -1.67 -1.43 5.09
C7N NAP B . -0.66 -2.58 5.14
O7N NAP B . -0.39 -3.08 6.23
N7N NAP B . 0.02 -2.86 3.97
C4N NAP B . -1.99 -0.68 6.24
C5N NAP B . -2.89 0.40 6.15
C6N NAP B . -3.45 0.72 4.90
P2B NAP B . -13.29 8.82 3.68
O1X NAP B . -13.43 7.36 3.27
O2X NAP B . -14.45 9.39 4.61
O3X NAP B . -13.06 9.86 2.47
C20 SUZ C . -5.67 -9.18 12.59
C19 SUZ C . -6.06 -8.20 11.67
C5 SUZ C . -5.64 -6.88 11.85
C6 SUZ C . -6.06 -5.87 10.98
C7 SUZ C . -5.15 -5.16 10.15
C18 SUZ C . -3.79 -5.40 9.88
C17 SUZ C . -2.86 -6.32 10.37
C16 SUZ C . -1.53 -6.29 9.89
C15 SUZ C . -1.16 -5.37 8.93
F SUZ C . 0.10 -5.33 8.49
C14 SUZ C . -2.09 -4.43 8.44
C13 SUZ C . -3.39 -4.44 8.90
C10 SUZ C . -4.49 -3.64 8.55
C11 SUZ C . -4.50 -2.42 7.64
C12 SUZ C . -4.60 -2.61 6.14
O3 SUZ C . -3.93 -3.52 5.63
O2 SUZ C . -5.33 -1.76 5.54
C8 SUZ C . -5.56 -4.09 9.33
C9 SUZ C . -6.99 -3.46 9.27
C4 SUZ C . -4.89 -6.55 12.99
C3 SUZ C . -4.49 -7.52 13.89
C2 SUZ C . -4.90 -8.84 13.69
S SUZ C . -4.39 -10.13 14.83
O1 SUZ C . -2.89 -9.99 14.98
C1 SUZ C . -5.27 -9.91 16.36
C1 EDO D . 2.88 -2.49 11.00
O1 EDO D . 2.87 -2.82 12.36
C2 EDO D . 1.44 -2.75 10.65
O2 EDO D . 0.72 -2.42 11.82
C1 EDO E . -2.31 7.15 -12.17
O1 EDO E . -1.14 6.96 -11.30
C2 EDO E . -3.55 7.02 -11.26
O2 EDO E . -3.65 5.66 -10.71
#